data_6MOI
#
_entry.id   6MOI
#
_cell.length_a   112.748
_cell.length_b   112.748
_cell.length_c   280.793
_cell.angle_alpha   90.00
_cell.angle_beta   90.00
_cell.angle_gamma   120.00
#
_symmetry.space_group_name_H-M   'P 65 2 2'
#
loop_
_entity.id
_entity.type
_entity.pdbx_description
1 polymer 'Dimeric DARPing CCR5 (C_angle_R5)'
2 polymer 'Erythropoietin receptor'
3 non-polymer 'SULFATE ION'
4 non-polymer 1,2-ETHANEDIOL
5 non-polymer 'MAGNESIUM ION'
6 non-polymer DI(HYDROXYETHYL)ETHER
7 non-polymer 'TRIETHYLENE GLYCOL'
8 non-polymer 'TETRAETHYLENE GLYCOL'
9 water water
#
loop_
_entity_poly.entity_id
_entity_poly.type
_entity_poly.pdbx_seq_one_letter_code
_entity_poly.pdbx_strand_id
1 'polypeptide(L)'
;MGHHHHHHSDLGKKLLKAARAGQDDEVRILMANGADVNATDIWDATPLHLAALIGHLEIVEVLLKNGADVNASDITGTTP
LHLAATMGHKEIVEVLLKYGADVNAYDLNGATPLHLAARMGHAEIVAVLLEYGADVNAQDAAGMTPLHLAAANGHDEIVL
ILLLKGADVNAKDAAGMTPLHLAAANGHKRIVLVLILAGADVNAQDKFGKTAFDISIDNGNEDLAKILQKQ
;
A
2 'polypeptide(L)'
;FAGSADPKFESKAALLAARGPEELLCFTERLEDLVCFWEEAASAGVGPGQYSFSYQLEDEPWKLCRLHQAPTARGAVRFW
CSLPTADTSSFVPLELRVTAASGAPRYHRVIHINEVVLLDAPVGLVARLADESGHVVLRWLPPPETPMTSHIRYEVDVSA
GQGAGSVQRVEILEGRTECVLSNLRGRTRYTFAVRARMAEPSFGGFWSAWSEPVSLLTPSDLDKEKAAA
;
B
#
loop_
_chem_comp.id
_chem_comp.type
_chem_comp.name
_chem_comp.formula
EDO non-polymer 1,2-ETHANEDIOL 'C2 H6 O2'
MG non-polymer 'MAGNESIUM ION' 'Mg 2'
PEG non-polymer DI(HYDROXYETHYL)ETHER 'C4 H10 O3'
PG4 non-polymer 'TETRAETHYLENE GLYCOL' 'C8 H18 O5'
PGE non-polymer 'TRIETHYLENE GLYCOL' 'C6 H14 O4'
SO4 non-polymer 'SULFATE ION' 'O4 S -2'
#
# COMPACT_ATOMS: atom_id res chain seq x y z
N HIS A 8 23.10 -21.47 -20.00
CA HIS A 8 22.39 -22.45 -19.19
C HIS A 8 21.21 -21.79 -18.46
N SER A 9 20.22 -22.59 -18.09
CA SER A 9 19.03 -22.05 -17.45
C SER A 9 19.32 -21.55 -16.04
N ASP A 10 20.36 -22.08 -15.38
CA ASP A 10 20.70 -21.64 -14.03
C ASP A 10 21.07 -20.16 -14.01
N LEU A 11 21.83 -19.71 -15.01
CA LEU A 11 22.17 -18.29 -15.10
C LEU A 11 20.92 -17.43 -15.25
N GLY A 12 19.90 -17.95 -15.93
CA GLY A 12 18.65 -17.21 -16.03
C GLY A 12 17.90 -17.16 -14.71
N LYS A 13 17.88 -18.29 -14.00
CA LYS A 13 17.25 -18.30 -12.68
C LYS A 13 17.98 -17.40 -11.70
N LYS A 14 19.31 -17.41 -11.72
CA LYS A 14 20.08 -16.50 -10.88
C LYS A 14 19.86 -15.06 -11.28
N LEU A 15 19.68 -14.80 -12.59
CA LEU A 15 19.41 -13.45 -13.05
C LEU A 15 18.05 -12.97 -12.58
N LEU A 16 17.04 -13.84 -12.64
CA LEU A 16 15.71 -13.49 -12.12
C LEU A 16 15.77 -13.15 -10.64
N LYS A 17 16.57 -13.91 -9.87
CA LYS A 17 16.73 -13.60 -8.46
C LYS A 17 17.50 -12.30 -8.27
N ALA A 18 18.55 -12.08 -9.05
CA ALA A 18 19.36 -10.88 -8.89
C ALA A 18 18.57 -9.62 -9.21
N ALA A 19 17.77 -9.66 -10.28
CA ALA A 19 16.96 -8.49 -10.63
C ALA A 19 15.91 -8.23 -9.56
N ARG A 20 15.24 -9.27 -9.07
CA ARG A 20 14.23 -9.11 -8.04
C ARG A 20 14.83 -8.56 -6.75
N ALA A 21 16.10 -8.87 -6.49
CA ALA A 21 16.77 -8.43 -5.27
C ALA A 21 17.44 -7.06 -5.41
N GLY A 22 17.37 -6.44 -6.59
CA GLY A 22 17.97 -5.14 -6.78
C GLY A 22 19.49 -5.14 -6.69
N GLN A 23 20.13 -6.22 -7.14
CA GLN A 23 21.59 -6.34 -7.08
C GLN A 23 22.14 -6.00 -8.47
N ASP A 24 22.49 -4.72 -8.65
CA ASP A 24 22.93 -4.25 -9.96
C ASP A 24 24.25 -4.89 -10.39
N ASP A 25 25.14 -5.17 -9.44
CA ASP A 25 26.42 -5.79 -9.80
C ASP A 25 26.24 -7.25 -10.17
N GLU A 26 25.41 -7.98 -9.42
CA GLU A 26 25.17 -9.39 -9.75
C GLU A 26 24.45 -9.53 -11.09
N VAL A 27 23.59 -8.58 -11.44
CA VAL A 27 22.89 -8.62 -12.72
C VAL A 27 23.90 -8.52 -13.86
N ARG A 28 24.85 -7.57 -13.74
CA ARG A 28 25.84 -7.39 -14.80
C ARG A 28 26.77 -8.59 -14.92
N ILE A 29 27.15 -9.19 -13.79
CA ILE A 29 28.04 -10.35 -13.81
C ILE A 29 27.37 -11.52 -14.50
N LEU A 30 26.08 -11.74 -14.22
CA LEU A 30 25.38 -12.87 -14.80
C LEU A 30 25.24 -12.74 -16.32
N MET A 31 24.89 -11.54 -16.80
CA MET A 31 24.78 -11.34 -18.24
C MET A 31 26.15 -11.34 -18.91
N ALA A 32 27.18 -10.87 -18.21
CA ALA A 32 28.53 -11.00 -18.75
C ALA A 32 28.92 -12.45 -18.95
N ASN A 33 28.25 -13.38 -18.26
CA ASN A 33 28.47 -14.81 -18.42
C ASN A 33 27.42 -15.46 -19.29
N GLY A 34 26.66 -14.68 -20.05
CA GLY A 34 25.73 -15.23 -21.02
C GLY A 34 24.35 -15.57 -20.48
N ALA A 35 23.90 -14.90 -19.42
CA ALA A 35 22.57 -15.16 -18.90
C ALA A 35 21.51 -14.63 -19.86
N ASP A 36 20.44 -15.40 -20.05
CA ASP A 36 19.32 -14.98 -20.88
C ASP A 36 18.64 -13.78 -20.25
N VAL A 37 18.75 -12.62 -20.90
CA VAL A 37 18.11 -11.41 -20.39
C VAL A 37 16.59 -11.52 -20.41
N ASN A 38 16.03 -12.36 -21.28
CA ASN A 38 14.60 -12.60 -21.30
C ASN A 38 14.22 -13.92 -20.65
N ALA A 39 14.97 -14.35 -19.63
CA ALA A 39 14.63 -15.54 -18.90
C ALA A 39 13.29 -15.38 -18.20
N THR A 40 12.55 -16.48 -18.05
CA THR A 40 11.21 -16.45 -17.51
C THR A 40 11.08 -17.43 -16.35
N ASP A 41 10.36 -17.01 -15.31
CA ASP A 41 9.98 -17.90 -14.22
C ASP A 41 8.71 -18.66 -14.59
N ILE A 42 8.13 -19.36 -13.61
CA ILE A 42 6.94 -20.16 -13.90
C ILE A 42 5.75 -19.27 -14.21
N TRP A 43 5.83 -17.99 -13.84
CA TRP A 43 4.80 -17.02 -14.21
C TRP A 43 5.10 -16.33 -15.53
N ASP A 44 6.18 -16.71 -16.20
CA ASP A 44 6.62 -16.07 -17.46
C ASP A 44 6.93 -14.59 -17.24
N ALA A 45 7.51 -14.27 -16.08
CA ALA A 45 7.94 -12.92 -15.76
C ALA A 45 9.45 -12.83 -16.00
N THR A 46 9.85 -11.85 -16.80
CA THR A 46 11.24 -11.63 -17.16
C THR A 46 11.92 -10.78 -16.09
N PRO A 47 13.26 -10.74 -16.07
CA PRO A 47 13.94 -9.84 -15.11
C PRO A 47 13.52 -8.39 -15.26
N LEU A 48 13.10 -7.98 -16.46
CA LEU A 48 12.61 -6.61 -16.64
C LEU A 48 11.31 -6.39 -15.88
N HIS A 49 10.46 -7.43 -15.80
CA HIS A 49 9.27 -7.35 -14.96
C HIS A 49 9.66 -7.07 -13.51
N LEU A 50 10.58 -7.87 -12.95
CA LEU A 50 10.91 -7.74 -11.54
C LEU A 50 11.67 -6.45 -11.26
N ALA A 51 12.56 -6.06 -12.18
CA ALA A 51 13.28 -4.80 -12.00
C ALA A 51 12.32 -3.61 -12.03
N ALA A 52 11.31 -3.65 -12.91
CA ALA A 52 10.32 -2.58 -12.93
C ALA A 52 9.41 -2.64 -11.72
N LEU A 53 9.14 -3.84 -11.20
CA LEU A 53 8.26 -3.97 -10.04
C LEU A 53 8.90 -3.37 -8.79
N ILE A 54 10.19 -3.62 -8.56
CA ILE A 54 10.86 -3.12 -7.37
C ILE A 54 11.39 -1.70 -7.55
N GLY A 55 11.23 -1.12 -8.73
CA GLY A 55 11.62 0.28 -8.94
C GLY A 55 13.10 0.52 -9.09
N HIS A 56 13.84 -0.45 -9.62
CA HIS A 56 15.29 -0.32 -9.78
C HIS A 56 15.57 0.18 -11.19
N LEU A 57 15.61 1.51 -11.33
CA LEU A 57 15.82 2.12 -12.64
C LEU A 57 17.13 1.68 -13.27
N GLU A 58 18.18 1.53 -12.44
CA GLU A 58 19.48 1.13 -12.96
C GLU A 58 19.41 -0.23 -13.65
N ILE A 59 18.84 -1.23 -12.97
CA ILE A 59 18.75 -2.56 -13.56
C ILE A 59 17.83 -2.55 -14.77
N VAL A 60 16.75 -1.77 -14.71
CA VAL A 60 15.85 -1.65 -15.86
C VAL A 60 16.61 -1.14 -17.08
N GLU A 61 17.47 -0.14 -16.89
CA GLU A 61 18.25 0.39 -18.01
C GLU A 61 19.30 -0.61 -18.47
N VAL A 62 19.91 -1.34 -17.54
CA VAL A 62 20.91 -2.33 -17.93
C VAL A 62 20.27 -3.46 -18.72
N LEU A 63 19.14 -3.99 -18.23
CA LEU A 63 18.45 -5.04 -18.95
C LEU A 63 18.01 -4.59 -20.33
N LEU A 64 17.47 -3.36 -20.42
CA LEU A 64 17.06 -2.84 -21.72
C LEU A 64 18.26 -2.66 -22.65
N LYS A 65 19.38 -2.19 -22.10
CA LYS A 65 20.58 -2.01 -22.93
C LYS A 65 21.12 -3.33 -23.46
N ASN A 66 20.82 -4.45 -22.80
CA ASN A 66 21.28 -5.76 -23.22
C ASN A 66 20.20 -6.57 -23.91
N GLY A 67 19.16 -5.92 -24.43
CA GLY A 67 18.20 -6.57 -25.30
C GLY A 67 16.97 -7.17 -24.64
N ALA A 68 16.54 -6.64 -23.50
CA ALA A 68 15.35 -7.18 -22.86
C ALA A 68 14.11 -6.92 -23.69
N ASP A 69 13.19 -7.88 -23.70
CA ASP A 69 11.90 -7.74 -24.39
C ASP A 69 11.07 -6.73 -23.61
N VAL A 70 11.04 -5.49 -24.08
CA VAL A 70 10.38 -4.41 -23.35
C VAL A 70 8.87 -4.63 -23.28
N ASN A 71 8.30 -5.40 -24.19
CA ASN A 71 6.87 -5.70 -24.19
C ASN A 71 6.56 -7.13 -23.75
N ALA A 72 7.46 -7.75 -22.99
CA ALA A 72 7.23 -9.10 -22.52
C ALA A 72 6.01 -9.15 -21.62
N SER A 73 5.24 -10.22 -21.73
CA SER A 73 4.02 -10.40 -20.95
C SER A 73 4.11 -11.69 -20.14
N ASP A 74 3.63 -11.64 -18.90
CA ASP A 74 3.56 -12.85 -18.10
C ASP A 74 2.19 -13.51 -18.29
N ILE A 75 2.01 -14.67 -17.67
CA ILE A 75 0.82 -15.48 -17.91
C ILE A 75 -0.45 -14.78 -17.43
N THR A 76 -0.34 -13.71 -16.65
CA THR A 76 -1.50 -12.91 -16.27
C THR A 76 -1.74 -11.75 -17.22
N GLY A 77 -0.91 -11.60 -18.25
CA GLY A 77 -1.08 -10.53 -19.21
C GLY A 77 -0.42 -9.22 -18.85
N THR A 78 0.21 -9.12 -17.68
CA THR A 78 0.84 -7.87 -17.28
C THR A 78 2.23 -7.76 -17.90
N THR A 79 2.56 -6.54 -18.31
CA THR A 79 3.83 -6.17 -18.90
C THR A 79 4.63 -5.32 -17.92
N PRO A 80 5.93 -5.13 -18.16
CA PRO A 80 6.72 -4.30 -17.24
C PRO A 80 6.14 -2.90 -17.05
N LEU A 81 5.57 -2.30 -18.10
CA LEU A 81 4.98 -0.98 -17.97
C LEU A 81 3.74 -1.00 -17.09
N HIS A 82 2.98 -2.10 -17.11
CA HIS A 82 1.89 -2.26 -16.15
C HIS A 82 2.42 -2.15 -14.72
N LEU A 83 3.53 -2.83 -14.44
CA LEU A 83 4.07 -2.84 -13.08
C LEU A 83 4.62 -1.49 -12.68
N ALA A 84 5.36 -0.84 -13.59
CA ALA A 84 5.91 0.48 -13.27
C ALA A 84 4.80 1.51 -13.10
N ALA A 85 3.69 1.35 -13.80
CA ALA A 85 2.60 2.30 -13.70
C ALA A 85 1.78 2.11 -12.43
N THR A 86 1.56 0.86 -12.03
CA THR A 86 0.82 0.61 -10.79
C THR A 86 1.61 1.09 -9.58
N MET A 87 2.91 0.77 -9.53
CA MET A 87 3.74 1.14 -8.39
C MET A 87 4.13 2.62 -8.40
N GLY A 88 3.93 3.32 -9.50
CA GLY A 88 4.21 4.75 -9.53
C GLY A 88 5.66 5.11 -9.79
N HIS A 89 6.37 4.32 -10.58
CA HIS A 89 7.79 4.56 -10.86
C HIS A 89 7.89 5.42 -12.11
N LYS A 90 7.98 6.74 -11.90
CA LYS A 90 7.90 7.69 -13.00
C LYS A 90 9.03 7.49 -14.00
N GLU A 91 10.28 7.47 -13.52
CA GLU A 91 11.41 7.38 -14.44
C GLU A 91 11.42 6.06 -15.19
N ILE A 92 11.01 4.97 -14.53
CA ILE A 92 10.97 3.68 -15.21
C ILE A 92 9.88 3.66 -16.27
N VAL A 93 8.74 4.32 -16.00
CA VAL A 93 7.70 4.42 -17.01
C VAL A 93 8.23 5.15 -18.25
N GLU A 94 9.03 6.20 -18.04
CA GLU A 94 9.53 6.97 -19.17
C GLU A 94 10.48 6.14 -20.03
N VAL A 95 11.44 5.47 -19.40
CA VAL A 95 12.45 4.74 -20.17
C VAL A 95 11.83 3.55 -20.90
N LEU A 96 10.86 2.88 -20.26
CA LEU A 96 10.14 1.82 -20.94
C LEU A 96 9.42 2.34 -22.16
N LEU A 97 8.72 3.48 -22.02
CA LEU A 97 7.96 4.04 -23.12
C LEU A 97 8.86 4.38 -24.30
N LYS A 98 9.94 5.12 -24.05
CA LYS A 98 10.82 5.53 -25.14
C LYS A 98 11.61 4.37 -25.73
N TYR A 99 11.63 3.21 -25.06
CA TYR A 99 12.18 2.00 -25.67
C TYR A 99 11.15 1.26 -26.52
N GLY A 100 9.95 1.80 -26.65
CA GLY A 100 8.93 1.17 -27.46
C GLY A 100 7.91 0.33 -26.71
N ALA A 101 7.79 0.50 -25.40
CA ALA A 101 6.76 -0.22 -24.65
C ALA A 101 5.37 0.21 -25.12
N ASP A 102 4.49 -0.77 -25.30
CA ASP A 102 3.16 -0.49 -25.82
C ASP A 102 2.31 0.13 -24.73
N VAL A 103 2.00 1.42 -24.87
CA VAL A 103 1.26 2.15 -23.85
C VAL A 103 -0.17 1.63 -23.72
N ASN A 104 -0.69 0.95 -24.74
CA ASN A 104 -2.07 0.49 -24.75
C ASN A 104 -2.21 -1.02 -24.61
N ALA A 105 -1.19 -1.70 -24.11
CA ALA A 105 -1.31 -3.12 -23.80
C ALA A 105 -2.22 -3.33 -22.61
N TYR A 106 -2.96 -4.46 -22.62
CA TYR A 106 -3.91 -4.76 -21.57
C TYR A 106 -3.70 -6.17 -21.05
N ASP A 107 -3.88 -6.35 -19.75
CA ASP A 107 -3.74 -7.65 -19.10
C ASP A 107 -5.05 -8.43 -19.22
N LEU A 108 -5.18 -9.53 -18.48
CA LEU A 108 -6.39 -10.33 -18.52
C LEU A 108 -7.57 -9.64 -17.88
N ASN A 109 -7.35 -8.54 -17.16
CA ASN A 109 -8.43 -7.70 -16.67
C ASN A 109 -8.90 -6.70 -17.72
N GLY A 110 -8.29 -6.68 -18.89
CA GLY A 110 -8.52 -5.63 -19.85
C GLY A 110 -7.94 -4.28 -19.47
N ALA A 111 -7.20 -4.21 -18.38
CA ALA A 111 -6.68 -2.94 -17.89
C ALA A 111 -5.38 -2.57 -18.58
N THR A 112 -5.26 -1.32 -18.97
CA THR A 112 -4.05 -0.75 -19.55
C THR A 112 -3.25 -0.02 -18.46
N PRO A 113 -1.98 0.28 -18.72
CA PRO A 113 -1.22 1.07 -17.73
C PRO A 113 -1.88 2.36 -17.32
N LEU A 114 -2.72 2.94 -18.18
CA LEU A 114 -3.48 4.12 -17.79
C LEU A 114 -4.53 3.79 -16.74
N HIS A 115 -5.18 2.63 -16.87
CA HIS A 115 -6.12 2.17 -15.85
C HIS A 115 -5.45 2.10 -14.48
N LEU A 116 -4.29 1.44 -14.42
CA LEU A 116 -3.63 1.22 -13.13
C LEU A 116 -3.09 2.51 -12.55
N ALA A 117 -2.52 3.37 -13.39
CA ALA A 117 -2.04 4.66 -12.91
C ALA A 117 -3.19 5.54 -12.42
N ALA A 118 -4.29 5.57 -13.16
CA ALA A 118 -5.44 6.37 -12.74
C ALA A 118 -6.08 5.80 -11.48
N ARG A 119 -6.11 4.47 -11.35
CA ARG A 119 -6.66 3.86 -10.15
C ARG A 119 -5.82 4.18 -8.93
N MET A 120 -4.49 4.04 -9.06
CA MET A 120 -3.59 4.21 -7.92
C MET A 120 -3.21 5.66 -7.68
N GLY A 121 -3.67 6.59 -8.50
CA GLY A 121 -3.49 8.01 -8.22
C GLY A 121 -2.15 8.58 -8.61
N HIS A 122 -1.47 8.02 -9.61
CA HIS A 122 -0.17 8.50 -10.03
C HIS A 122 -0.39 9.51 -11.14
N ALA A 123 -0.46 10.79 -10.75
CA ALA A 123 -0.87 11.85 -11.67
C ALA A 123 0.14 12.06 -12.79
N GLU A 124 1.44 12.16 -12.44
CA GLU A 124 2.46 12.38 -13.46
C GLU A 124 2.53 11.23 -14.45
N ILE A 125 2.34 10.00 -13.97
CA ILE A 125 2.38 8.85 -14.88
C ILE A 125 1.15 8.85 -15.78
N VAL A 126 0.00 9.24 -15.25
CA VAL A 126 -1.21 9.39 -16.07
C VAL A 126 -0.93 10.35 -17.23
N ALA A 127 -0.23 11.44 -16.95
CA ALA A 127 0.04 12.43 -18.00
C ALA A 127 0.98 11.88 -19.06
N VAL A 128 2.09 11.27 -18.65
CA VAL A 128 3.06 10.80 -19.63
C VAL A 128 2.50 9.63 -20.43
N LEU A 129 1.65 8.80 -19.84
CA LEU A 129 1.01 7.73 -20.59
C LEU A 129 0.11 8.31 -21.67
N LEU A 130 -0.72 9.30 -21.32
CA LEU A 130 -1.49 10.01 -22.32
C LEU A 130 -0.57 10.68 -23.35
N GLU A 131 0.56 11.22 -22.88
CA GLU A 131 1.49 11.90 -23.77
C GLU A 131 2.09 10.95 -24.80
N TYR A 132 2.22 9.67 -24.45
CA TYR A 132 2.73 8.66 -25.37
C TYR A 132 1.61 7.91 -26.09
N GLY A 133 0.38 8.42 -26.06
CA GLY A 133 -0.69 7.89 -26.86
C GLY A 133 -1.60 6.89 -26.19
N ALA A 134 -1.72 6.89 -24.87
CA ALA A 134 -2.63 5.98 -24.19
C ALA A 134 -4.07 6.32 -24.55
N ASP A 135 -4.86 5.27 -24.83
CA ASP A 135 -6.28 5.45 -25.09
C ASP A 135 -6.98 5.90 -23.81
N VAL A 136 -7.46 7.13 -23.80
CA VAL A 136 -8.04 7.69 -22.58
C VAL A 136 -9.36 7.01 -22.24
N ASN A 137 -10.11 6.57 -23.25
CA ASN A 137 -11.41 5.92 -23.06
C ASN A 137 -11.32 4.40 -23.15
N ALA A 138 -10.17 3.82 -22.81
CA ALA A 138 -10.05 2.38 -22.80
C ALA A 138 -10.94 1.77 -21.73
N GLN A 139 -11.60 0.66 -22.06
CA GLN A 139 -12.47 -0.05 -21.14
C GLN A 139 -11.82 -1.38 -20.74
N ASP A 140 -11.86 -1.71 -19.46
CA ASP A 140 -11.36 -2.98 -18.99
C ASP A 140 -12.47 -4.03 -19.10
N ALA A 141 -12.23 -5.21 -18.54
CA ALA A 141 -13.22 -6.30 -18.64
C ALA A 141 -14.53 -5.96 -17.95
N ALA A 142 -14.53 -4.97 -17.04
CA ALA A 142 -15.73 -4.54 -16.34
C ALA A 142 -16.34 -3.29 -16.94
N GLY A 143 -15.92 -2.91 -18.14
CA GLY A 143 -16.38 -1.66 -18.74
C GLY A 143 -15.86 -0.41 -18.07
N MET A 144 -15.01 -0.54 -17.05
CA MET A 144 -14.47 0.61 -16.36
C MET A 144 -13.44 1.34 -17.24
N THR A 145 -13.48 2.66 -17.20
CA THR A 145 -12.51 3.50 -17.87
C THR A 145 -11.59 4.17 -16.84
N PRO A 146 -10.44 4.71 -17.27
CA PRO A 146 -9.58 5.42 -16.31
C PRO A 146 -10.32 6.47 -15.50
N LEU A 147 -11.32 7.15 -16.08
CA LEU A 147 -12.07 8.14 -15.33
C LEU A 147 -12.95 7.49 -14.27
N HIS A 148 -13.53 6.31 -14.59
CA HIS A 148 -14.24 5.55 -13.58
C HIS A 148 -13.36 5.28 -12.37
N LEU A 149 -12.13 4.85 -12.59
CA LEU A 149 -11.25 4.49 -11.50
C LEU A 149 -10.76 5.73 -10.75
N ALA A 150 -10.40 6.78 -11.48
CA ALA A 150 -9.92 8.00 -10.83
C ALA A 150 -11.03 8.67 -10.03
N ALA A 151 -12.24 8.73 -10.59
CA ALA A 151 -13.36 9.32 -9.86
C ALA A 151 -13.75 8.49 -8.65
N ALA A 152 -13.64 7.16 -8.77
CA ALA A 152 -13.98 6.30 -7.65
C ALA A 152 -13.01 6.45 -6.50
N ASN A 153 -11.72 6.57 -6.80
CA ASN A 153 -10.68 6.63 -5.78
C ASN A 153 -10.32 8.05 -5.36
N GLY A 154 -11.07 9.05 -5.82
CA GLY A 154 -10.91 10.40 -5.33
C GLY A 154 -9.67 11.14 -5.79
N HIS A 155 -9.16 10.83 -6.98
CA HIS A 155 -7.97 11.50 -7.50
C HIS A 155 -8.43 12.68 -8.35
N ASP A 156 -8.43 13.87 -7.74
CA ASP A 156 -9.04 15.04 -8.36
C ASP A 156 -8.27 15.48 -9.60
N GLU A 157 -6.95 15.61 -9.48
CA GLU A 157 -6.15 16.10 -10.61
C GLU A 157 -6.23 15.15 -11.80
N ILE A 158 -6.22 13.85 -11.54
CA ILE A 158 -6.28 12.88 -12.64
C ILE A 158 -7.62 12.98 -13.36
N VAL A 159 -8.70 13.23 -12.61
CA VAL A 159 -10.00 13.43 -13.25
C VAL A 159 -9.96 14.60 -14.21
N LEU A 160 -9.36 15.71 -13.77
CA LEU A 160 -9.23 16.88 -14.64
C LEU A 160 -8.34 16.56 -15.85
N ILE A 161 -7.23 15.85 -15.62
CA ILE A 161 -6.32 15.51 -16.71
C ILE A 161 -7.01 14.63 -17.74
N LEU A 162 -7.72 13.60 -17.27
CA LEU A 162 -8.41 12.71 -18.18
C LEU A 162 -9.50 13.44 -18.95
N LEU A 163 -10.32 14.23 -18.25
CA LEU A 163 -11.39 14.97 -18.91
C LEU A 163 -10.83 15.94 -19.94
N LEU A 164 -9.76 16.66 -19.59
CA LEU A 164 -9.19 17.62 -20.53
C LEU A 164 -8.64 16.93 -21.78
N LYS A 165 -8.19 15.69 -21.63
CA LYS A 165 -7.66 14.92 -22.76
C LYS A 165 -8.72 14.06 -23.43
N GLY A 166 -9.99 14.39 -23.26
CA GLY A 166 -11.04 13.76 -24.04
C GLY A 166 -11.69 12.54 -23.42
N ALA A 167 -11.81 12.49 -22.10
CA ALA A 167 -12.45 11.37 -21.44
C ALA A 167 -13.97 11.55 -21.46
N ASP A 168 -14.69 10.49 -21.83
CA ASP A 168 -16.15 10.53 -21.87
C ASP A 168 -16.68 10.59 -20.44
N VAL A 169 -17.28 11.72 -20.07
CA VAL A 169 -17.74 11.90 -18.70
C VAL A 169 -18.93 10.99 -18.39
N ASN A 170 -19.71 10.63 -19.41
CA ASN A 170 -20.91 9.83 -19.23
C ASN A 170 -20.68 8.36 -19.60
N ALA A 171 -19.44 7.90 -19.52
CA ALA A 171 -19.13 6.50 -19.82
C ALA A 171 -19.78 5.58 -18.81
N LYS A 172 -20.37 4.49 -19.29
CA LYS A 172 -21.02 3.51 -18.46
C LYS A 172 -20.25 2.19 -18.49
N ASP A 173 -20.11 1.56 -17.32
CA ASP A 173 -19.42 0.29 -17.22
C ASP A 173 -20.43 -0.85 -17.37
N ALA A 174 -20.01 -2.07 -17.03
CA ALA A 174 -20.88 -3.23 -17.20
C ALA A 174 -22.13 -3.17 -16.33
N ALA A 175 -22.14 -2.31 -15.32
CA ALA A 175 -23.31 -2.13 -14.46
C ALA A 175 -24.06 -0.84 -14.76
N GLY A 176 -23.74 -0.17 -15.87
CA GLY A 176 -24.41 1.08 -16.21
C GLY A 176 -24.04 2.26 -15.34
N MET A 177 -22.97 2.16 -14.55
CA MET A 177 -22.57 3.23 -13.65
C MET A 177 -21.62 4.19 -14.37
N THR A 178 -21.87 5.47 -14.20
CA THR A 178 -21.00 6.52 -14.71
C THR A 178 -19.96 6.87 -13.66
N PRO A 179 -18.91 7.63 -14.03
CA PRO A 179 -17.99 8.13 -13.01
C PRO A 179 -18.69 8.94 -11.93
N LEU A 180 -19.80 9.61 -12.26
CA LEU A 180 -20.55 10.33 -11.26
C LEU A 180 -21.11 9.37 -10.21
N HIS A 181 -21.53 8.18 -10.63
CA HIS A 181 -22.00 7.17 -9.68
C HIS A 181 -20.89 6.79 -8.69
N LEU A 182 -19.70 6.48 -9.21
CA LEU A 182 -18.62 6.01 -8.36
C LEU A 182 -18.12 7.12 -7.44
N ALA A 183 -17.99 8.34 -7.97
CA ALA A 183 -17.54 9.45 -7.14
C ALA A 183 -18.52 9.74 -6.01
N ALA A 184 -19.81 9.73 -6.31
CA ALA A 184 -20.82 9.93 -5.28
C ALA A 184 -20.85 8.75 -4.31
N ALA A 185 -20.58 7.54 -4.79
CA ALA A 185 -20.60 6.38 -3.91
C ALA A 185 -19.48 6.43 -2.88
N ASN A 186 -18.37 7.09 -3.21
CA ASN A 186 -17.23 7.20 -2.33
C ASN A 186 -17.12 8.58 -1.68
N GLY A 187 -18.09 9.46 -1.92
CA GLY A 187 -18.14 10.72 -1.22
C GLY A 187 -17.09 11.74 -1.60
N HIS A 188 -16.70 11.78 -2.88
CA HIS A 188 -15.72 12.74 -3.37
C HIS A 188 -16.48 13.94 -3.92
N LYS A 189 -16.65 14.98 -3.08
CA LYS A 189 -17.52 16.09 -3.43
C LYS A 189 -17.00 16.87 -4.63
N ARG A 190 -15.76 17.35 -4.56
CA ARG A 190 -15.24 18.19 -5.62
C ARG A 190 -15.15 17.45 -6.95
N ILE A 191 -14.93 16.14 -6.92
CA ILE A 191 -14.94 15.36 -8.15
C ILE A 191 -16.34 15.31 -8.74
N VAL A 192 -17.36 15.21 -7.89
CA VAL A 192 -18.74 15.32 -8.36
C VAL A 192 -18.97 16.69 -8.99
N LEU A 193 -18.45 17.75 -8.36
CA LEU A 193 -18.58 19.08 -8.93
C LEU A 193 -17.89 19.17 -10.28
N VAL A 194 -16.71 18.56 -10.41
CA VAL A 194 -15.99 18.61 -11.68
C VAL A 194 -16.75 17.82 -12.75
N LEU A 195 -17.20 16.61 -12.40
CA LEU A 195 -17.94 15.80 -13.37
C LEU A 195 -19.22 16.50 -13.81
N ILE A 196 -19.96 17.08 -12.86
CA ILE A 196 -21.16 17.83 -13.22
C ILE A 196 -20.82 18.98 -14.15
N LEU A 197 -19.73 19.70 -13.86
CA LEU A 197 -19.31 20.80 -14.71
C LEU A 197 -18.95 20.33 -16.10
N ALA A 198 -18.26 19.19 -16.20
CA ALA A 198 -17.84 18.62 -17.47
C ALA A 198 -18.98 17.99 -18.26
N GLY A 199 -20.21 18.09 -17.78
CA GLY A 199 -21.36 17.58 -18.49
C GLY A 199 -21.88 16.22 -18.07
N ALA A 200 -21.69 15.83 -16.81
CA ALA A 200 -22.19 14.54 -16.35
C ALA A 200 -23.72 14.53 -16.36
N ASP A 201 -24.28 13.44 -16.86
CA ASP A 201 -25.73 13.25 -16.86
C ASP A 201 -26.17 12.88 -15.44
N VAL A 202 -26.71 13.87 -14.72
CA VAL A 202 -27.09 13.65 -13.33
C VAL A 202 -28.28 12.70 -13.21
N ASN A 203 -29.08 12.54 -14.26
CA ASN A 203 -30.24 11.67 -14.23
C ASN A 203 -29.95 10.24 -14.65
N ALA A 204 -28.70 9.95 -15.04
CA ALA A 204 -28.35 8.60 -15.47
C ALA A 204 -28.45 7.63 -14.30
N GLN A 205 -28.99 6.45 -14.57
CA GLN A 205 -29.17 5.43 -13.55
C GLN A 205 -28.55 4.12 -14.00
N ASP A 206 -27.97 3.40 -13.05
CA ASP A 206 -27.25 2.16 -13.36
C ASP A 206 -28.22 1.05 -13.70
N LYS A 207 -27.74 -0.20 -13.68
CA LYS A 207 -28.62 -1.32 -13.96
C LYS A 207 -29.59 -1.58 -12.82
N PHE A 208 -29.36 -1.00 -11.64
CA PHE A 208 -30.31 -1.10 -10.54
C PHE A 208 -31.40 -0.04 -10.62
N GLY A 209 -31.21 0.99 -11.43
CA GLY A 209 -32.17 2.08 -11.51
C GLY A 209 -31.89 3.23 -10.58
N LYS A 210 -30.67 3.34 -10.04
CA LYS A 210 -30.33 4.36 -9.06
C LYS A 210 -29.40 5.39 -9.69
N THR A 211 -29.69 6.67 -9.44
CA THR A 211 -28.83 7.76 -9.90
C THR A 211 -27.75 8.02 -8.85
N ALA A 212 -26.83 8.94 -9.16
CA ALA A 212 -25.85 9.33 -8.17
C ALA A 212 -26.51 9.96 -6.94
N PHE A 213 -27.66 10.62 -7.14
CA PHE A 213 -28.41 11.14 -6.01
C PHE A 213 -28.93 10.01 -5.13
N ASP A 214 -29.60 9.03 -5.75
CA ASP A 214 -30.12 7.89 -5.00
C ASP A 214 -29.01 7.18 -4.23
N ILE A 215 -27.79 7.17 -4.78
CA ILE A 215 -26.66 6.60 -4.04
C ILE A 215 -26.27 7.49 -2.88
N SER A 216 -26.27 8.81 -3.09
CA SER A 216 -25.87 9.74 -2.03
C SER A 216 -26.86 9.74 -0.87
N ILE A 217 -28.12 9.41 -1.13
CA ILE A 217 -29.09 9.30 -0.04
C ILE A 217 -28.90 7.98 0.70
N ASP A 218 -28.72 6.89 -0.04
CA ASP A 218 -28.45 5.60 0.59
C ASP A 218 -27.14 5.64 1.38
N ASN A 219 -26.15 6.37 0.86
CA ASN A 219 -24.92 6.57 1.62
C ASN A 219 -25.17 7.41 2.88
N GLY A 220 -26.15 8.31 2.83
CA GLY A 220 -26.42 9.21 3.93
C GLY A 220 -25.72 10.54 3.85
N ASN A 221 -25.12 10.88 2.70
CA ASN A 221 -24.40 12.13 2.53
C ASN A 221 -25.39 13.21 2.12
N GLU A 222 -25.63 14.17 3.02
CA GLU A 222 -26.54 15.27 2.72
C GLU A 222 -25.93 16.23 1.70
N ASP A 223 -24.62 16.45 1.78
CA ASP A 223 -23.97 17.43 0.90
C ASP A 223 -24.07 17.01 -0.56
N LEU A 224 -23.68 15.77 -0.87
CA LEU A 224 -23.81 15.28 -2.24
C LEU A 224 -25.26 15.22 -2.67
N ALA A 225 -26.17 14.93 -1.74
CA ALA A 225 -27.59 14.89 -2.07
C ALA A 225 -28.09 16.27 -2.48
N LYS A 226 -27.60 17.33 -1.82
CA LYS A 226 -28.01 18.68 -2.20
C LYS A 226 -27.40 19.09 -3.53
N ILE A 227 -26.22 18.59 -3.86
CA ILE A 227 -25.57 18.93 -5.11
C ILE A 227 -26.28 18.27 -6.29
N LEU A 228 -26.55 16.98 -6.17
CA LEU A 228 -27.24 16.22 -7.21
C LEU A 228 -28.73 16.45 -7.08
N GLN A 229 -29.33 17.13 -8.05
CA GLN A 229 -30.76 17.40 -8.01
C GLN A 229 -31.30 17.85 -9.37
N PRO B 7 -9.60 -8.16 16.96
CA PRO B 7 -9.15 -7.68 18.27
C PRO B 7 -8.09 -6.58 18.15
N LYS B 8 -6.90 -6.83 18.71
CA LYS B 8 -5.79 -5.91 18.53
C LYS B 8 -5.35 -5.87 17.06
N PHE B 9 -5.58 -6.96 16.32
CA PHE B 9 -5.20 -7.01 14.92
C PHE B 9 -6.04 -6.05 14.08
N GLU B 10 -7.32 -5.89 14.44
CA GLU B 10 -8.21 -5.03 13.66
C GLU B 10 -7.75 -3.58 13.69
N SER B 11 -7.19 -3.13 14.82
CA SER B 11 -6.73 -1.76 14.93
C SER B 11 -5.58 -1.48 13.96
N LYS B 12 -4.60 -2.40 13.91
CA LYS B 12 -3.47 -2.22 13.01
C LYS B 12 -3.90 -2.28 11.55
N ALA B 13 -4.83 -3.19 11.23
CA ALA B 13 -5.29 -3.31 9.84
C ALA B 13 -6.03 -2.05 9.41
N ALA B 14 -6.78 -1.43 10.31
CA ALA B 14 -7.49 -0.20 9.97
C ALA B 14 -6.53 0.96 9.73
N LEU B 15 -5.45 1.02 10.52
CA LEU B 15 -4.48 2.10 10.35
C LEU B 15 -3.75 2.00 9.02
N LEU B 16 -3.45 0.77 8.58
CA LEU B 16 -2.75 0.59 7.31
C LEU B 16 -3.68 0.82 6.11
N ALA B 17 -4.94 0.41 6.23
CA ALA B 17 -5.87 0.56 5.12
C ALA B 17 -6.08 2.02 4.75
N ALA B 18 -6.08 2.91 5.75
CA ALA B 18 -6.18 4.34 5.47
C ALA B 18 -4.92 4.89 4.83
N ARG B 19 -3.78 4.21 5.00
CA ARG B 19 -2.54 4.66 4.36
C ARG B 19 -2.51 4.29 2.88
N GLY B 20 -2.98 3.10 2.53
CA GLY B 20 -2.97 2.64 1.16
C GLY B 20 -4.24 1.91 0.77
N PRO B 21 -5.25 2.66 0.35
CA PRO B 21 -6.47 2.02 -0.16
C PRO B 21 -6.20 1.32 -1.49
N GLU B 22 -6.96 0.26 -1.73
CA GLU B 22 -6.85 -0.59 -2.91
C GLU B 22 -5.51 -1.32 -2.99
N GLU B 23 -4.73 -1.34 -1.92
CA GLU B 23 -3.39 -1.92 -1.94
C GLU B 23 -3.36 -3.24 -1.18
N LEU B 24 -2.32 -4.02 -1.46
CA LEU B 24 -2.04 -5.28 -0.77
C LEU B 24 -1.07 -4.97 0.35
N LEU B 25 -1.57 -4.91 1.58
CA LEU B 25 -0.80 -4.47 2.73
C LEU B 25 -0.32 -5.68 3.53
N CYS B 26 0.98 -5.74 3.78
CA CYS B 26 1.59 -6.77 4.59
C CYS B 26 2.27 -6.14 5.79
N PHE B 27 2.30 -6.88 6.91
CA PHE B 27 3.00 -6.42 8.09
C PHE B 27 3.24 -7.60 9.02
N THR B 28 4.11 -7.37 10.00
CA THR B 28 4.42 -8.36 11.02
C THR B 28 4.35 -7.70 12.39
N GLU B 29 3.67 -8.36 13.33
CA GLU B 29 3.54 -7.88 14.70
C GLU B 29 4.72 -8.31 15.56
N ARG B 30 5.20 -9.54 15.40
CA ARG B 30 6.26 -10.04 16.27
C ARG B 30 7.41 -10.73 15.52
N LEU B 31 7.54 -10.51 14.22
CA LEU B 31 8.68 -11.01 13.44
C LEU B 31 8.67 -12.52 13.28
N GLU B 32 7.68 -13.18 13.87
CA GLU B 32 7.53 -14.63 13.79
C GLU B 32 6.40 -15.06 12.86
N ASP B 33 5.72 -14.12 12.24
CA ASP B 33 4.67 -14.42 11.27
C ASP B 33 4.55 -13.24 10.32
N LEU B 34 3.65 -13.37 9.34
CA LEU B 34 3.43 -12.32 8.36
C LEU B 34 2.01 -12.45 7.83
N VAL B 35 1.29 -11.33 7.81
CA VAL B 35 -0.10 -11.31 7.36
C VAL B 35 -0.24 -10.25 6.28
N CYS B 36 -0.70 -10.67 5.11
CA CYS B 36 -1.01 -9.77 4.00
C CYS B 36 -2.51 -9.74 3.79
N PHE B 37 -3.05 -8.54 3.53
CA PHE B 37 -4.49 -8.42 3.39
C PHE B 37 -4.82 -7.27 2.45
N TRP B 38 -6.03 -7.34 1.88
CA TRP B 38 -6.60 -6.25 1.11
C TRP B 38 -8.11 -6.28 1.28
N GLU B 39 -8.77 -5.23 0.83
CA GLU B 39 -10.21 -5.08 0.95
C GLU B 39 -10.79 -4.60 -0.36
N GLU B 40 -11.98 -5.11 -0.70
CA GLU B 40 -12.64 -4.75 -1.94
C GLU B 40 -14.15 -4.86 -1.75
N ALA B 41 -14.89 -4.73 -2.85
CA ALA B 41 -16.35 -4.74 -2.81
C ALA B 41 -16.86 -6.18 -2.70
N ALA B 42 -18.19 -6.32 -2.70
CA ALA B 42 -18.81 -7.63 -2.53
C ALA B 42 -18.70 -8.45 -3.80
N SER B 43 -18.90 -9.76 -3.64
CA SER B 43 -18.82 -10.70 -4.75
C SER B 43 -19.95 -10.46 -5.75
N GLY B 49 -13.65 -20.06 -3.26
CA GLY B 49 -12.30 -19.53 -3.44
C GLY B 49 -12.09 -18.92 -4.80
N GLN B 50 -12.32 -17.61 -4.91
CA GLN B 50 -12.17 -16.88 -6.16
C GLN B 50 -10.82 -16.22 -6.32
N TYR B 51 -9.95 -16.30 -5.31
CA TYR B 51 -8.62 -15.73 -5.37
C TYR B 51 -7.59 -16.75 -4.95
N SER B 52 -6.40 -16.65 -5.54
CA SER B 52 -5.28 -17.55 -5.26
C SER B 52 -4.11 -16.72 -4.78
N PHE B 53 -3.61 -17.03 -3.58
CA PHE B 53 -2.46 -16.36 -3.01
C PHE B 53 -1.26 -17.30 -3.11
N SER B 54 -0.28 -16.91 -3.92
CA SER B 54 0.94 -17.68 -4.10
C SER B 54 2.14 -16.81 -3.76
N TYR B 55 3.19 -17.44 -3.23
CA TYR B 55 4.36 -16.70 -2.78
C TYR B 55 5.62 -17.53 -3.01
N GLN B 56 6.73 -16.83 -3.25
CA GLN B 56 8.03 -17.45 -3.42
C GLN B 56 9.04 -16.75 -2.52
N LEU B 57 9.86 -17.53 -1.81
CA LEU B 57 10.75 -17.01 -0.79
C LEU B 57 12.15 -17.58 -0.98
N GLU B 58 13.06 -16.75 -1.49
CA GLU B 58 14.50 -17.00 -1.50
C GLU B 58 14.82 -18.41 -2.03
N ASP B 59 14.58 -18.57 -3.33
CA ASP B 59 14.95 -19.78 -4.06
C ASP B 59 14.27 -21.03 -3.51
N GLU B 60 13.07 -20.87 -2.95
CA GLU B 60 12.23 -22.00 -2.57
C GLU B 60 11.05 -22.10 -3.53
N PRO B 61 10.47 -23.28 -3.73
CA PRO B 61 9.40 -23.42 -4.73
C PRO B 61 8.20 -22.55 -4.40
N TRP B 62 7.53 -22.09 -5.46
CA TRP B 62 6.33 -21.28 -5.30
C TRP B 62 5.25 -22.08 -4.57
N LYS B 63 4.83 -21.59 -3.41
CA LYS B 63 3.81 -22.23 -2.60
C LYS B 63 2.54 -21.38 -2.59
N LEU B 64 1.46 -21.98 -2.12
CA LEU B 64 0.19 -21.31 -1.95
C LEU B 64 -0.06 -21.01 -0.48
N CYS B 65 -0.89 -20.00 -0.24
CA CYS B 65 -1.29 -19.61 1.11
C CYS B 65 -2.81 -19.60 1.18
N ARG B 66 -3.35 -20.18 2.25
CA ARG B 66 -4.80 -20.27 2.42
C ARG B 66 -5.37 -18.88 2.71
N LEU B 67 -6.16 -18.37 1.77
CA LEU B 67 -6.80 -17.07 1.96
C LEU B 67 -8.05 -17.21 2.83
N HIS B 68 -8.21 -16.29 3.77
CA HIS B 68 -9.40 -16.22 4.61
C HIS B 68 -10.21 -14.98 4.25
N GLN B 69 -11.53 -15.12 4.28
CA GLN B 69 -12.44 -14.08 3.84
C GLN B 69 -13.41 -13.73 4.95
N ALA B 70 -13.52 -12.43 5.24
CA ALA B 70 -14.44 -11.92 6.26
C ALA B 70 -14.93 -10.54 5.84
N PRO B 71 -16.18 -10.20 6.11
CA PRO B 71 -16.69 -8.87 5.77
C PRO B 71 -16.26 -7.84 6.81
N THR B 72 -16.30 -6.57 6.39
CA THR B 72 -15.94 -5.47 7.27
C THR B 72 -16.53 -4.18 6.73
N ALA B 73 -16.79 -3.25 7.64
CA ALA B 73 -17.24 -1.88 7.32
C ALA B 73 -18.54 -1.98 6.51
N ARG B 74 -18.70 -1.17 5.46
CA ARG B 74 -19.94 -1.11 4.69
C ARG B 74 -19.86 -2.08 3.52
N GLY B 75 -20.11 -3.35 3.82
CA GLY B 75 -20.10 -4.38 2.79
C GLY B 75 -18.75 -4.67 2.19
N ALA B 76 -17.66 -4.18 2.77
CA ALA B 76 -16.34 -4.44 2.25
C ALA B 76 -15.84 -5.80 2.73
N VAL B 77 -15.35 -6.61 1.79
CA VAL B 77 -14.81 -7.92 2.10
C VAL B 77 -13.30 -7.81 2.23
N ARG B 78 -12.74 -8.38 3.29
CA ARG B 78 -11.30 -8.39 3.52
C ARG B 78 -10.77 -9.80 3.36
N PHE B 79 -9.86 -9.99 2.42
CA PHE B 79 -9.13 -11.24 2.26
C PHE B 79 -7.76 -11.09 2.90
N TRP B 80 -7.30 -12.15 3.55
CA TRP B 80 -5.97 -12.09 4.16
C TRP B 80 -5.34 -13.48 4.17
N CYS B 81 -4.01 -13.48 4.19
CA CYS B 81 -3.21 -14.69 4.29
C CYS B 81 -2.15 -14.50 5.37
N SER B 82 -2.05 -15.47 6.27
CA SER B 82 -1.02 -15.48 7.31
C SER B 82 -0.02 -16.56 6.93
N LEU B 83 1.17 -16.16 6.50
CA LEU B 83 2.18 -17.11 6.10
C LEU B 83 2.59 -17.97 7.30
N PRO B 84 2.81 -19.27 7.10
CA PRO B 84 3.24 -20.12 8.20
C PRO B 84 4.56 -19.67 8.80
N THR B 85 4.79 -20.06 10.06
CA THR B 85 6.00 -19.70 10.77
C THR B 85 7.26 -20.31 10.14
N ALA B 86 7.10 -21.27 9.22
CA ALA B 86 8.25 -21.88 8.58
C ALA B 86 8.83 -21.00 7.47
N ASP B 87 8.01 -20.14 6.87
CA ASP B 87 8.41 -19.31 5.75
C ASP B 87 8.41 -17.82 6.10
N THR B 88 8.85 -17.49 7.31
CA THR B 88 8.79 -16.11 7.81
C THR B 88 10.18 -15.56 8.14
N SER B 89 11.22 -16.04 7.46
CA SER B 89 12.56 -15.54 7.70
C SER B 89 12.71 -14.12 7.17
N SER B 90 13.43 -13.29 7.92
CA SER B 90 13.58 -11.87 7.60
C SER B 90 14.83 -11.63 6.76
N PHE B 91 14.99 -10.37 6.36
CA PHE B 91 16.16 -9.86 5.62
C PHE B 91 16.31 -10.50 4.24
N VAL B 92 15.23 -11.00 3.65
CA VAL B 92 15.29 -11.62 2.32
C VAL B 92 14.05 -11.25 1.53
N PRO B 93 14.16 -11.21 0.21
CA PRO B 93 13.00 -10.88 -0.62
C PRO B 93 11.96 -11.99 -0.62
N LEU B 94 10.70 -11.58 -0.56
CA LEU B 94 9.55 -12.49 -0.59
C LEU B 94 8.58 -11.97 -1.63
N GLU B 95 8.39 -12.73 -2.70
CA GLU B 95 7.56 -12.31 -3.82
C GLU B 95 6.13 -12.82 -3.64
N LEU B 96 5.17 -11.94 -3.86
CA LEU B 96 3.76 -12.21 -3.64
C LEU B 96 2.97 -12.02 -4.92
N ARG B 97 1.99 -12.90 -5.15
CA ARG B 97 1.09 -12.78 -6.29
C ARG B 97 -0.31 -13.20 -5.85
N VAL B 98 -1.28 -12.32 -6.05
CA VAL B 98 -2.69 -12.63 -5.90
C VAL B 98 -3.29 -12.69 -7.30
N THR B 99 -3.85 -13.84 -7.65
CA THR B 99 -4.43 -14.05 -8.97
C THR B 99 -5.87 -14.52 -8.84
N ALA B 100 -6.73 -14.00 -9.70
CA ALA B 100 -8.13 -14.40 -9.71
C ALA B 100 -8.26 -15.84 -10.20
N ALA B 101 -9.47 -16.39 -10.04
CA ALA B 101 -9.72 -17.76 -10.49
C ALA B 101 -9.55 -17.87 -12.00
N SER B 102 -9.86 -16.81 -12.74
CA SER B 102 -9.73 -16.81 -14.19
C SER B 102 -8.28 -16.73 -14.65
N GLY B 103 -7.32 -16.59 -13.73
CA GLY B 103 -5.95 -16.34 -14.09
C GLY B 103 -5.61 -14.88 -14.28
N ALA B 104 -6.58 -13.98 -14.14
CA ALA B 104 -6.32 -12.56 -14.27
C ALA B 104 -5.55 -12.05 -13.06
N PRO B 105 -4.73 -11.02 -13.23
CA PRO B 105 -3.94 -10.51 -12.10
C PRO B 105 -4.80 -9.78 -11.08
N ARG B 106 -4.23 -9.61 -9.90
CA ARG B 106 -4.87 -8.84 -8.84
C ARG B 106 -3.82 -8.05 -8.07
N TYR B 107 -2.75 -8.72 -7.64
CA TYR B 107 -1.64 -8.06 -6.97
C TYR B 107 -0.35 -8.78 -7.33
N HIS B 108 0.75 -8.01 -7.32
CA HIS B 108 2.08 -8.55 -7.55
C HIS B 108 3.07 -7.62 -6.86
N ARG B 109 3.64 -8.06 -5.74
CA ARG B 109 4.53 -7.25 -4.94
C ARG B 109 5.78 -8.04 -4.58
N VAL B 110 6.82 -7.32 -4.18
CA VAL B 110 8.04 -7.90 -3.63
C VAL B 110 8.36 -7.17 -2.35
N ILE B 111 8.29 -7.86 -1.21
CA ILE B 111 8.46 -7.24 0.09
C ILE B 111 9.62 -7.92 0.82
N HIS B 112 10.04 -7.27 1.90
CA HIS B 112 10.97 -7.84 2.86
C HIS B 112 10.27 -7.90 4.22
N ILE B 113 10.40 -9.04 4.90
CA ILE B 113 9.61 -9.29 6.10
C ILE B 113 9.97 -8.30 7.20
N ASN B 114 11.27 -7.99 7.34
CA ASN B 114 11.72 -7.11 8.42
C ASN B 114 11.35 -5.65 8.20
N GLU B 115 10.87 -5.27 7.02
CA GLU B 115 10.62 -3.88 6.69
C GLU B 115 9.18 -3.45 6.95
N VAL B 116 8.35 -4.31 7.53
CA VAL B 116 6.95 -3.96 7.79
C VAL B 116 6.57 -4.40 9.20
N VAL B 117 7.28 -3.90 10.20
CA VAL B 117 7.05 -4.28 11.58
C VAL B 117 6.08 -3.30 12.22
N LEU B 118 4.99 -3.82 12.79
CA LEU B 118 3.99 -3.03 13.51
C LEU B 118 3.88 -3.65 14.90
N LEU B 119 4.66 -3.13 15.84
CA LEU B 119 4.73 -3.72 17.16
C LEU B 119 3.46 -3.45 17.96
N ASP B 120 3.19 -4.32 18.93
CA ASP B 120 2.23 -4.00 19.96
C ASP B 120 2.72 -2.83 20.79
N ALA B 121 1.81 -2.22 21.54
CA ALA B 121 2.21 -1.15 22.43
C ALA B 121 3.02 -1.71 23.60
N PRO B 122 4.00 -0.96 24.09
CA PRO B 122 4.68 -1.37 25.33
C PRO B 122 3.69 -1.45 26.47
N VAL B 123 4.06 -2.21 27.50
CA VAL B 123 3.19 -2.51 28.62
C VAL B 123 3.95 -2.29 29.92
N GLY B 124 3.25 -2.45 31.04
CA GLY B 124 3.89 -2.43 32.34
C GLY B 124 4.41 -1.08 32.79
N LEU B 125 3.72 0.01 32.43
CA LEU B 125 4.17 1.33 32.82
C LEU B 125 4.17 1.50 34.33
N VAL B 126 5.20 2.18 34.84
CA VAL B 126 5.31 2.52 36.26
C VAL B 126 5.92 3.92 36.33
N ALA B 127 5.13 4.88 36.79
CA ALA B 127 5.60 6.26 36.96
C ALA B 127 5.74 6.54 38.46
N ARG B 128 6.87 7.12 38.84
CA ARG B 128 7.17 7.36 40.25
C ARG B 128 7.80 8.74 40.40
N LEU B 129 7.33 9.47 41.42
CA LEU B 129 7.93 10.76 41.73
C LEU B 129 9.33 10.57 42.31
N ALA B 130 10.25 11.43 41.89
CA ALA B 130 11.61 11.38 42.40
C ALA B 130 11.67 12.00 43.80
N ASP B 131 12.82 11.81 44.46
CA ASP B 131 13.02 12.36 45.79
C ASP B 131 13.17 13.88 45.78
N GLU B 132 13.28 14.49 44.59
CA GLU B 132 13.31 15.93 44.44
C GLU B 132 12.13 16.37 43.58
N SER B 133 11.52 17.50 43.93
CA SER B 133 10.30 17.93 43.28
C SER B 133 10.57 18.30 41.81
N GLY B 134 9.66 17.87 40.94
CA GLY B 134 9.70 18.18 39.53
C GLY B 134 10.16 17.05 38.64
N HIS B 135 10.74 16.00 39.20
CA HIS B 135 11.29 14.89 38.44
C HIS B 135 10.43 13.65 38.62
N VAL B 136 10.33 12.85 37.56
CA VAL B 136 9.54 11.62 37.54
C VAL B 136 10.33 10.55 36.80
N VAL B 137 10.43 9.37 37.38
CA VAL B 137 11.09 8.23 36.76
C VAL B 137 10.03 7.31 36.19
N LEU B 138 10.06 7.10 34.88
CA LEU B 138 9.09 6.28 34.17
C LEU B 138 9.78 5.02 33.66
N ARG B 139 9.18 3.86 33.92
CA ARG B 139 9.67 2.59 33.44
C ARG B 139 8.54 1.82 32.77
N TRP B 140 8.90 0.91 31.88
CA TRP B 140 7.92 0.12 31.15
C TRP B 140 8.59 -1.17 30.67
N LEU B 141 7.83 -1.97 29.93
CA LEU B 141 8.27 -3.24 29.38
C LEU B 141 8.13 -3.23 27.87
N PRO B 142 8.98 -3.97 27.16
CA PRO B 142 8.85 -4.07 25.70
C PRO B 142 7.51 -4.66 25.32
N PRO B 143 7.10 -4.52 24.06
CA PRO B 143 5.90 -5.22 23.59
C PRO B 143 5.98 -6.70 23.91
N PRO B 144 4.96 -7.25 24.57
CA PRO B 144 5.05 -8.64 25.05
C PRO B 144 5.28 -9.62 23.91
N GLU B 145 6.06 -10.67 24.22
CA GLU B 145 6.35 -11.75 23.29
C GLU B 145 6.97 -11.25 21.99
N THR B 146 7.75 -10.18 22.06
CA THR B 146 8.42 -9.67 20.88
C THR B 146 9.93 -9.88 21.01
N PRO B 147 10.59 -10.45 20.02
CA PRO B 147 12.04 -10.59 20.06
C PRO B 147 12.71 -9.27 19.71
N MET B 148 14.04 -9.30 19.69
CA MET B 148 14.86 -8.15 19.30
C MET B 148 14.54 -6.92 20.16
N THR B 149 14.30 -7.15 21.46
CA THR B 149 14.02 -6.04 22.36
C THR B 149 15.19 -5.08 22.48
N SER B 150 16.41 -5.55 22.18
CA SER B 150 17.57 -4.67 22.13
C SER B 150 17.48 -3.68 20.99
N HIS B 151 16.66 -3.96 19.97
CA HIS B 151 16.56 -3.11 18.79
C HIS B 151 15.29 -2.30 18.76
N ILE B 152 14.52 -2.27 19.86
CA ILE B 152 13.28 -1.52 19.94
C ILE B 152 13.56 -0.18 20.58
N ARG B 153 13.21 0.90 19.88
CA ARG B 153 13.31 2.26 20.41
C ARG B 153 11.92 2.76 20.76
N TYR B 154 11.86 3.69 21.72
CA TYR B 154 10.59 4.14 22.28
C TYR B 154 10.51 5.65 22.20
N GLU B 155 9.30 6.16 22.43
CA GLU B 155 9.03 7.58 22.58
C GLU B 155 8.05 7.75 23.72
N VAL B 156 8.33 8.71 24.61
CA VAL B 156 7.49 8.99 25.77
C VAL B 156 6.70 10.27 25.50
N ASP B 157 5.42 10.23 25.82
CA ASP B 157 4.54 11.39 25.74
C ASP B 157 4.12 11.79 27.15
N VAL B 158 4.24 13.08 27.47
CA VAL B 158 3.80 13.63 28.74
C VAL B 158 2.68 14.61 28.46
N SER B 159 1.49 14.30 28.95
CA SER B 159 0.33 15.16 28.81
C SER B 159 -0.06 15.73 30.17
N ALA B 160 -0.75 16.87 30.14
CA ALA B 160 -1.22 17.52 31.34
C ALA B 160 -2.69 17.90 31.17
N GLY B 161 -3.39 18.02 32.29
CA GLY B 161 -4.81 18.29 32.26
C GLY B 161 -5.14 19.73 31.92
N GLN B 162 -6.43 20.01 31.92
CA GLN B 162 -6.98 21.36 31.71
C GLN B 162 -6.56 21.93 30.35
N GLY B 163 -6.72 21.11 29.31
CA GLY B 163 -6.46 21.55 27.95
C GLY B 163 -5.01 21.73 27.59
N ALA B 164 -4.07 21.34 28.47
CA ALA B 164 -2.66 21.51 28.16
C ALA B 164 -2.23 20.62 27.01
N GLY B 165 -2.80 19.42 26.91
CA GLY B 165 -2.40 18.51 25.87
C GLY B 165 -1.02 17.93 26.13
N SER B 166 -0.34 17.56 25.05
CA SER B 166 1.01 17.00 25.15
C SER B 166 2.01 18.11 25.43
N VAL B 167 2.72 18.01 26.55
CA VAL B 167 3.71 19.02 26.91
C VAL B 167 5.14 18.56 26.66
N GLN B 168 5.38 17.25 26.56
CA GLN B 168 6.72 16.73 26.30
C GLN B 168 6.63 15.53 25.38
N ARG B 169 7.64 15.40 24.52
CA ARG B 169 7.83 14.21 23.70
C ARG B 169 9.31 13.87 23.73
N VAL B 170 9.65 12.71 24.30
CA VAL B 170 11.03 12.30 24.50
C VAL B 170 11.24 10.96 23.81
N GLU B 171 12.21 10.91 22.90
CA GLU B 171 12.60 9.65 22.28
C GLU B 171 13.60 8.91 23.16
N ILE B 172 13.42 7.60 23.28
CA ILE B 172 14.24 6.76 24.13
C ILE B 172 15.11 5.88 23.25
N LEU B 173 16.33 5.61 23.72
CA LEU B 173 17.30 4.86 22.92
C LEU B 173 16.83 3.42 22.70
N GLU B 174 17.59 2.71 21.88
CA GLU B 174 17.30 1.31 21.62
C GLU B 174 17.56 0.47 22.87
N GLY B 175 16.59 -0.35 23.24
CA GLY B 175 16.76 -1.29 24.32
C GLY B 175 16.64 -0.70 25.71
N ARG B 176 16.50 0.60 25.85
CA ARG B 176 16.31 1.23 27.15
C ARG B 176 14.82 1.36 27.43
N THR B 177 14.38 0.80 28.56
CA THR B 177 12.99 0.86 29.00
C THR B 177 12.83 1.76 30.21
N GLU B 178 13.62 2.83 30.29
CA GLU B 178 13.61 3.76 31.41
C GLU B 178 13.64 5.18 30.88
N CYS B 179 12.93 6.07 31.56
CA CYS B 179 12.86 7.47 31.16
C CYS B 179 12.78 8.35 32.40
N VAL B 180 13.55 9.43 32.40
CA VAL B 180 13.54 10.41 33.48
C VAL B 180 13.02 11.73 32.91
N LEU B 181 11.96 12.24 33.52
CA LEU B 181 11.30 13.47 33.07
C LEU B 181 11.44 14.54 34.14
N SER B 182 11.64 15.77 33.70
CA SER B 182 11.83 16.90 34.61
C SER B 182 11.00 18.06 34.10
N ASN B 183 11.26 19.26 34.62
CA ASN B 183 10.61 20.49 34.16
C ASN B 183 9.09 20.43 34.29
N LEU B 184 8.60 19.71 35.30
CA LEU B 184 7.18 19.50 35.49
C LEU B 184 6.61 20.53 36.47
N ARG B 185 5.39 20.99 36.20
N ARG B 185 5.39 20.97 36.21
CA ARG B 185 4.71 21.91 37.09
CA ARG B 185 4.73 21.92 37.09
C ARG B 185 4.20 21.18 38.32
C ARG B 185 4.20 21.19 38.32
N GLY B 186 4.32 21.83 39.48
CA GLY B 186 3.84 21.24 40.71
C GLY B 186 2.33 21.27 40.81
N ARG B 187 1.80 20.38 41.66
CA ARG B 187 0.37 20.26 41.90
C ARG B 187 -0.42 20.10 40.61
N THR B 188 0.11 19.27 39.71
CA THR B 188 -0.44 19.08 38.38
C THR B 188 -0.54 17.58 38.08
N ARG B 189 -1.69 17.16 37.54
CA ARG B 189 -1.87 15.78 37.12
C ARG B 189 -1.23 15.59 35.76
N TYR B 190 -0.10 14.89 35.72
CA TYR B 190 0.55 14.53 34.48
C TYR B 190 0.22 13.07 34.12
N THR B 191 0.14 12.81 32.82
CA THR B 191 -0.18 11.49 32.31
C THR B 191 0.90 11.07 31.32
N PHE B 192 1.37 9.84 31.46
CA PHE B 192 2.51 9.34 30.70
C PHE B 192 2.11 8.14 29.85
N ALA B 193 2.58 8.13 28.61
CA ALA B 193 2.42 6.99 27.72
C ALA B 193 3.69 6.82 26.90
N VAL B 194 3.89 5.62 26.38
CA VAL B 194 5.07 5.30 25.58
C VAL B 194 4.64 4.39 24.43
N ARG B 195 5.26 4.59 23.27
CA ARG B 195 5.07 3.74 22.12
C ARG B 195 6.42 3.18 21.69
N ALA B 196 6.39 2.18 20.81
CA ALA B 196 7.58 1.43 20.44
C ALA B 196 7.74 1.37 18.93
N ARG B 197 8.98 1.17 18.49
CA ARG B 197 9.32 1.10 17.08
C ARG B 197 10.63 0.36 16.93
N MET B 198 10.78 -0.33 15.80
CA MET B 198 12.00 -1.06 15.50
C MET B 198 13.02 -0.11 14.89
N ALA B 199 14.20 -0.04 15.48
CA ALA B 199 15.22 0.91 15.06
C ALA B 199 15.80 0.53 13.70
N GLU B 200 16.36 1.52 13.03
CA GLU B 200 17.04 1.38 11.75
C GLU B 200 18.51 1.04 11.97
N PRO B 201 19.22 0.56 10.94
CA PRO B 201 18.80 0.30 9.55
C PRO B 201 18.27 -1.12 9.33
N SER B 202 18.31 -1.95 10.38
CA SER B 202 17.97 -3.36 10.22
C SER B 202 16.48 -3.58 10.02
N PHE B 203 15.63 -2.72 10.58
CA PHE B 203 14.19 -2.92 10.53
C PHE B 203 13.49 -1.63 10.15
N GLY B 204 12.39 -1.76 9.40
CA GLY B 204 11.56 -0.63 9.05
C GLY B 204 10.14 -0.81 9.56
N GLY B 205 9.38 0.27 9.61
CA GLY B 205 8.03 0.21 10.11
C GLY B 205 7.66 1.52 10.78
N PHE B 206 6.49 1.52 11.40
CA PHE B 206 5.93 2.70 12.04
C PHE B 206 5.85 2.50 13.55
N TRP B 207 5.44 3.56 14.25
CA TRP B 207 5.29 3.50 15.69
C TRP B 207 4.16 2.56 16.08
N SER B 208 4.30 1.92 17.23
CA SER B 208 3.20 1.18 17.81
C SER B 208 2.13 2.16 18.30
N ALA B 209 0.98 1.60 18.68
CA ALA B 209 -0.01 2.40 19.37
C ALA B 209 0.55 2.84 20.71
N TRP B 210 -0.03 3.90 21.26
CA TRP B 210 0.40 4.36 22.58
C TRP B 210 0.00 3.34 23.63
N SER B 211 0.89 3.14 24.60
CA SER B 211 0.61 2.22 25.70
C SER B 211 -0.57 2.72 26.53
N GLU B 212 -1.05 1.83 27.39
CA GLU B 212 -1.99 2.27 28.41
C GLU B 212 -1.29 3.29 29.32
N PRO B 213 -1.96 4.37 29.69
CA PRO B 213 -1.29 5.44 30.43
C PRO B 213 -1.29 5.21 31.94
N VAL B 214 -0.39 5.92 32.60
CA VAL B 214 -0.37 6.03 34.06
C VAL B 214 -0.21 7.49 34.41
N SER B 215 -0.81 7.89 35.53
CA SER B 215 -0.89 9.29 35.91
C SER B 215 -0.35 9.51 37.31
N LEU B 216 0.17 10.72 37.55
CA LEU B 216 0.68 11.12 38.85
C LEU B 216 0.31 12.56 39.11
N LEU B 217 0.01 12.87 40.38
CA LEU B 217 -0.19 14.24 40.83
C LEU B 217 1.11 14.72 41.48
N THR B 218 1.80 15.63 40.81
CA THR B 218 3.06 16.13 41.33
C THR B 218 2.83 16.92 42.63
N PRO B 219 3.81 16.92 43.54
CA PRO B 219 3.67 17.71 44.77
C PRO B 219 3.75 19.21 44.50
N SER B 220 3.94 20.00 45.55
CA SER B 220 3.90 21.45 45.46
C SER B 220 5.32 22.02 45.40
N ASP B 221 5.69 22.57 44.25
CA ASP B 221 6.90 23.35 44.08
C ASP B 221 6.98 23.91 42.65
S SO4 C . -13.63 16.58 -1.39
O1 SO4 C . -13.83 17.80 -0.61
O2 SO4 C . -14.20 15.45 -0.67
O3 SO4 C . -12.20 16.35 -1.58
O4 SO4 C . -14.27 16.71 -2.69
C1 EDO D . 5.33 -3.07 -22.14
O1 EDO D . 6.16 -2.64 -21.06
C2 EDO D . 4.06 -2.25 -22.21
O2 EDO D . 3.12 -2.86 -23.09
C1 EDO E . -13.84 8.10 -19.48
O1 EDO E . -14.80 7.82 -20.50
C2 EDO E . -12.45 7.76 -19.99
O2 EDO E . -11.49 7.97 -18.94
C1 EDO F . -8.88 -9.51 -22.11
O1 EDO F . -8.18 -10.74 -22.34
C2 EDO F . -10.17 -9.81 -21.35
O2 EDO F . -11.04 -8.68 -21.42
C1 EDO G . 3.00 12.52 -8.12
O1 EDO G . 3.05 12.81 -9.52
C2 EDO G . 1.92 11.47 -7.86
O2 EDO G . 0.70 11.90 -8.46
C1 EDO H . -32.50 11.62 -9.85
O1 EDO H . -32.12 10.91 -8.66
C2 EDO H . -32.20 13.10 -9.66
O2 EDO H . -32.17 13.74 -10.94
C1 EDO I . 11.66 -16.13 -9.38
O1 EDO I . 11.76 -17.46 -8.87
C2 EDO I . 10.20 -15.72 -9.40
O2 EDO I . 10.07 -14.44 -10.02
MG MG J . 11.73 -18.57 -22.28
C1 PEG K . 2.09 -20.55 -11.85
O1 PEG K . 1.56 -20.92 -13.13
C2 PEG K . 1.51 -21.47 -10.79
O2 PEG K . 1.98 -21.12 -9.49
C3 PEG K . 2.10 -22.30 -8.70
C4 PEG K . 1.67 -22.03 -7.26
O4 PEG K . 1.69 -23.27 -6.55
C1 PGE L . 12.28 -13.58 -26.47
O1 PGE L . 11.00 -13.44 -27.08
C2 PGE L . 13.35 -13.18 -27.47
O2 PGE L . 14.60 -13.04 -26.83
C3 PGE L . 14.94 -14.13 -26.00
C4 PGE L . 16.37 -14.00 -25.50
O4 PGE L . 20.22 -11.28 -26.04
C6 PGE L . 18.80 -11.33 -26.16
C5 PGE L . 18.28 -12.62 -25.56
O3 PGE L . 16.89 -12.72 -25.81
O1 PG4 M . -2.43 -7.56 -25.32
C1 PG4 M . -1.72 -6.35 -25.61
C2 PG4 M . -1.97 -5.93 -27.05
O2 PG4 M . -2.19 -4.52 -27.10
C3 PG4 M . -2.33 -4.01 -28.42
C4 PG4 M . -2.34 -2.50 -28.34
O3 PG4 M . -2.22 -1.90 -29.63
C5 PG4 M . -1.30 -0.81 -29.57
C6 PG4 M . -1.90 0.49 -30.08
O4 PG4 M . -1.19 1.57 -29.47
C7 PG4 M . -1.50 2.84 -30.04
C8 PG4 M . -0.62 3.89 -29.36
O5 PG4 M . -0.88 5.18 -29.94
S SO4 N . 1.96 11.94 16.45
O1 SO4 N . 1.22 12.91 15.68
O2 SO4 N . 1.04 11.19 17.31
O3 SO4 N . 2.65 11.01 15.54
O4 SO4 N . 2.95 12.62 17.27
C1 EDO O . 4.12 -3.31 -0.97
O1 EDO O . 4.50 -3.51 -2.33
C2 EDO O . 3.34 -4.51 -0.46
O2 EDO O . 3.17 -4.41 0.96
C1 EDO P . 2.11 -11.58 13.31
O1 EDO P . 1.50 -10.81 12.27
C2 EDO P . 3.63 -11.48 13.18
O2 EDO P . 4.26 -12.29 14.18
C1 EDO Q . 13.58 14.89 29.73
O1 EDO Q . 14.29 15.01 28.50
C2 EDO Q . 13.14 16.27 30.20
O2 EDO Q . 11.71 16.30 30.31
C1 EDO R . 9.16 -1.79 35.68
O1 EDO R . 10.07 -2.89 35.61
C2 EDO R . 8.31 -1.78 34.41
O2 EDO R . 7.23 -2.70 34.55
MG MG S . 3.92 10.03 13.91
#